data_9P8W
#
_entry.id   9P8W
#
_cell.length_a   121.718
_cell.length_b   121.718
_cell.length_c   151.483
_cell.angle_alpha   90.000
_cell.angle_beta   90.000
_cell.angle_gamma   120.000
#
_symmetry.space_group_name_H-M   'P 63 2 2'
#
loop_
_entity.id
_entity.type
_entity.pdbx_description
1 polymer 'Deoxyguanosinetriphosphate triphosphohydrolase-like protein'
2 non-polymer 'MAGNESIUM ION'
3 water water
#
_entity_poly.entity_id   1
_entity_poly.type   'polypeptide(L)'
_entity_poly.pdbx_seq_one_letter_code
;MGSLEQRRLEQDKRPDDVRDEYDRDEARLIHSAAFRRLQSKTQVLGLGESDFYRTRLTHSMEVAQIGRGIVQYLSKNKKF
AEYHEHLPNTSLITAICLAHDIGHPPFGHGGEVALNYCMREHGGFEGNGQTLRILGKLDKYTGEHGLNPTRRMLLGILKY
PVAYSELVNEKAYEQVPDKNAPYWLFEARMQKPPKCYHDCDQEIVDFIFDGFAREELAKFTQTEQPIDKDEPEKPLHKKS
LYKSLDCTIMNLADNISYSLHDFEDALSLGMITQRHWREHFEGKEALFNDLAKQLVRNDLNFDLITVNLFHKESHCRKEA
IGSLVNLMITNAIIEKNQSGCENPLLSLEVKLAPQIEKLRQHIFDLVCEQVIFDENVQQLEFKGQKLVIELFQTLAKDPN
RFLPKPTRERLKKAGEGLEGEHKKSAQLRVICDFVSGMTDDYATKFYEKLFTPSKGSIFDRL
;
_entity_poly.pdbx_strand_id   A
#
# COMPACT_ATOMS: atom_id res chain seq x y z
N MET A 1 4.78 -2.25 29.73
CA MET A 1 4.63 -2.51 28.30
C MET A 1 5.99 -2.68 27.62
N GLY A 2 5.98 -3.24 26.40
CA GLY A 2 7.21 -3.52 25.69
C GLY A 2 7.76 -2.32 24.92
N SER A 3 9.06 -2.38 24.65
CA SER A 3 9.75 -1.29 23.97
C SER A 3 9.39 -1.28 22.49
N LEU A 4 9.56 -0.12 21.86
CA LEU A 4 9.27 0.01 20.44
C LEU A 4 10.33 -0.68 19.58
N GLU A 5 11.56 -0.80 20.09
CA GLU A 5 12.64 -1.46 19.38
C GLU A 5 12.67 -2.96 19.62
N GLN A 6 11.63 -3.52 20.21
CA GLN A 6 11.54 -4.94 20.52
C GLN A 6 11.02 -5.71 19.32
N ARG A 7 11.52 -6.93 19.16
CA ARG A 7 11.12 -7.82 18.07
C ARG A 7 10.37 -9.02 18.62
N ARG A 8 9.54 -9.63 17.77
CA ARG A 8 8.79 -10.81 18.18
C ARG A 8 9.75 -11.94 18.55
N LEU A 9 10.74 -12.19 17.70
CA LEU A 9 11.78 -13.16 17.97
C LEU A 9 13.02 -12.45 18.50
N GLU A 10 13.75 -13.13 19.36
CA GLU A 10 14.97 -12.57 19.94
C GLU A 10 16.11 -12.70 18.94
N GLN A 11 16.60 -11.56 18.44
CA GLN A 11 17.75 -11.51 17.52
C GLN A 11 18.60 -10.30 17.93
N ASP A 12 19.35 -10.45 19.01
CA ASP A 12 20.17 -9.37 19.51
C ASP A 12 21.39 -9.15 18.63
N LYS A 13 21.83 -7.90 18.57
CA LYS A 13 22.99 -7.54 17.76
C LYS A 13 24.29 -7.79 18.51
N ARG A 14 25.36 -8.02 17.76
CA ARG A 14 26.67 -8.18 18.35
C ARG A 14 27.18 -6.84 18.87
N PRO A 15 28.13 -6.87 19.82
CA PRO A 15 28.74 -5.61 20.27
C PRO A 15 29.46 -4.84 19.16
N ASP A 16 29.88 -5.52 18.09
CA ASP A 16 30.50 -4.84 16.95
C ASP A 16 29.53 -3.93 16.22
N ASP A 17 28.23 -4.06 16.49
CA ASP A 17 27.18 -3.36 15.76
C ASP A 17 26.61 -2.27 16.66
N VAL A 18 26.97 -1.01 16.39
CA VAL A 18 26.32 0.12 17.04
C VAL A 18 25.11 0.60 16.27
N ARG A 19 24.83 0.02 15.10
CA ARG A 19 23.62 0.36 14.37
C ARG A 19 22.40 0.21 15.26
N ASP A 20 21.53 1.20 15.22
CA ASP A 20 20.28 1.09 15.97
C ASP A 20 19.39 0.03 15.34
N GLU A 21 18.39 -0.41 16.10
CA GLU A 21 17.53 -1.48 15.63
C GLU A 21 16.77 -1.08 14.37
N TYR A 22 16.51 0.21 14.19
CA TYR A 22 15.80 0.66 13.00
C TYR A 22 16.69 0.59 11.75
N ASP A 23 18.00 0.76 11.91
CA ASP A 23 18.93 0.57 10.80
C ASP A 23 19.05 -0.91 10.44
N ARG A 24 19.07 -1.78 11.45
CA ARG A 24 19.06 -3.20 11.18
C ARG A 24 17.81 -3.60 10.39
N ASP A 25 16.69 -2.95 10.66
CA ASP A 25 15.49 -3.17 9.88
C ASP A 25 15.69 -2.74 8.43
N GLU A 26 16.30 -1.57 8.23
CA GLU A 26 16.57 -1.10 6.87
C GLU A 26 17.51 -2.06 6.13
N ALA A 27 18.53 -2.56 6.84
CA ALA A 27 19.50 -3.45 6.21
C ALA A 27 18.86 -4.77 5.79
N ARG A 28 18.06 -5.37 6.68
CA ARG A 28 17.40 -6.63 6.35
C ARG A 28 16.44 -6.47 5.19
N LEU A 29 15.72 -5.34 5.16
CA LEU A 29 14.71 -5.13 4.12
C LEU A 29 15.35 -5.08 2.74
N ILE A 30 16.42 -4.30 2.59
CA ILE A 30 17.05 -4.14 1.28
C ILE A 30 17.62 -5.46 0.78
N HIS A 31 18.15 -6.29 1.67
CA HIS A 31 18.70 -7.58 1.30
C HIS A 31 17.67 -8.71 1.32
N SER A 32 16.38 -8.37 1.34
CA SER A 32 15.31 -9.35 1.44
C SER A 32 14.71 -9.67 0.08
N ALA A 33 14.24 -10.91 -0.07
CA ALA A 33 13.62 -11.32 -1.32
C ALA A 33 12.33 -10.56 -1.58
N ALA A 34 11.62 -10.16 -0.52
CA ALA A 34 10.35 -9.46 -0.70
C ALA A 34 10.57 -8.06 -1.27
N PHE A 35 11.64 -7.40 -0.86
CA PHE A 35 11.93 -6.06 -1.35
C PHE A 35 12.52 -6.08 -2.75
N ARG A 36 13.36 -7.08 -3.05
CA ARG A 36 13.94 -7.19 -4.39
C ARG A 36 12.88 -7.52 -5.43
N ARG A 37 11.76 -8.12 -5.05
CA ARG A 37 10.69 -8.41 -5.99
C ARG A 37 10.03 -7.15 -6.53
N LEU A 38 10.25 -6.00 -5.90
CA LEU A 38 9.66 -4.75 -6.36
C LEU A 38 10.18 -4.32 -7.73
N GLN A 39 11.26 -4.93 -8.23
CA GLN A 39 11.75 -4.60 -9.57
C GLN A 39 10.80 -5.12 -10.63
N SER A 40 10.38 -6.38 -10.52
CA SER A 40 9.54 -7.03 -11.51
C SER A 40 8.06 -6.76 -11.30
N LYS A 41 7.71 -5.78 -10.47
CA LYS A 41 6.32 -5.44 -10.19
C LYS A 41 6.10 -3.97 -10.53
N THR A 42 5.17 -3.72 -11.45
CA THR A 42 4.74 -2.36 -11.76
C THR A 42 3.38 -2.10 -11.17
N GLN A 43 3.16 -0.84 -10.78
CA GLN A 43 1.90 -0.42 -10.17
C GLN A 43 0.88 0.03 -11.20
N VAL A 44 1.32 0.77 -12.22
CA VAL A 44 0.40 1.30 -13.23
C VAL A 44 0.06 0.22 -14.25
N LEU A 45 1.08 -0.34 -14.90
CA LEU A 45 0.88 -1.33 -15.94
C LEU A 45 0.54 -2.69 -15.35
N TYR A 53 6.71 0.89 -16.87
CA TYR A 53 7.33 2.20 -16.77
C TYR A 53 7.94 2.40 -15.39
N ARG A 54 7.21 3.08 -14.51
CA ARG A 54 7.66 3.27 -13.13
C ARG A 54 7.38 2.00 -12.33
N THR A 55 8.44 1.40 -11.80
CA THR A 55 8.28 0.18 -11.02
C THR A 55 7.94 0.52 -9.57
N ARG A 56 7.49 -0.50 -8.83
CA ARG A 56 7.19 -0.31 -7.42
C ARG A 56 8.46 -0.01 -6.62
N LEU A 57 9.61 -0.51 -7.08
CA LEU A 57 10.88 -0.18 -6.42
C LEU A 57 11.17 1.30 -6.54
N THR A 58 11.03 1.86 -7.74
CA THR A 58 11.29 3.28 -7.96
C THR A 58 10.31 4.14 -7.18
N HIS A 59 9.03 3.80 -7.22
CA HIS A 59 8.03 4.51 -6.42
C HIS A 59 8.38 4.46 -4.94
N SER A 60 8.83 3.31 -4.45
CA SER A 60 9.18 3.18 -3.04
C SER A 60 10.41 3.98 -2.67
N MET A 61 11.32 4.18 -3.62
CA MET A 61 12.49 5.03 -3.35
C MET A 61 12.10 6.51 -3.34
N GLU A 62 11.25 6.92 -4.27
CA GLU A 62 10.77 8.30 -4.28
C GLU A 62 9.96 8.60 -3.03
N VAL A 63 9.15 7.64 -2.58
CA VAL A 63 8.40 7.81 -1.35
C VAL A 63 9.34 7.94 -0.15
N ALA A 64 10.39 7.11 -0.12
CA ALA A 64 11.37 7.19 0.96
C ALA A 64 12.07 8.53 0.96
N GLN A 65 12.36 9.08 -0.23
CA GLN A 65 12.99 10.39 -0.30
C GLN A 65 12.05 11.48 0.21
N ILE A 66 10.77 11.42 -0.20
CA ILE A 66 9.80 12.42 0.26
C ILE A 66 9.62 12.34 1.76
N GLY A 67 9.55 11.12 2.30
CA GLY A 67 9.36 10.96 3.73
C GLY A 67 10.52 11.51 4.54
N ARG A 68 11.75 11.26 4.08
CA ARG A 68 12.92 11.82 4.76
C ARG A 68 12.88 13.35 4.70
N GLY A 69 12.46 13.91 3.57
CA GLY A 69 12.31 15.35 3.48
C GLY A 69 11.24 15.88 4.42
N ILE A 70 10.16 15.11 4.59
CA ILE A 70 9.12 15.48 5.55
C ILE A 70 9.67 15.45 6.96
N VAL A 71 10.31 14.34 7.34
CA VAL A 71 10.87 14.21 8.68
C VAL A 71 11.92 15.28 8.93
N GLN A 72 12.73 15.59 7.92
CA GLN A 72 13.73 16.64 8.07
C GLN A 72 13.08 18.01 8.27
N TYR A 73 12.10 18.34 7.43
CA TYR A 73 11.41 19.62 7.56
C TYR A 73 10.77 19.77 8.94
N LEU A 74 10.18 18.70 9.46
CA LEU A 74 9.52 18.79 10.77
C LEU A 74 10.53 18.84 11.91
N SER A 75 11.67 18.16 11.77
CA SER A 75 12.66 18.10 12.84
C SER A 75 13.36 19.44 13.07
N LYS A 76 13.11 20.45 12.23
CA LYS A 76 13.70 21.76 12.43
C LYS A 76 12.69 22.89 12.55
N ASN A 77 11.45 22.69 12.12
CA ASN A 77 10.41 23.72 12.29
C ASN A 77 10.02 23.79 13.77
N LYS A 78 10.38 24.89 14.41
CA LYS A 78 10.19 25.00 15.85
C LYS A 78 8.75 25.22 16.26
N LYS A 79 7.85 25.53 15.32
CA LYS A 79 6.43 25.51 15.63
C LYS A 79 5.99 24.11 16.04
N PHE A 80 6.69 23.09 15.57
CA PHE A 80 6.44 21.69 15.92
C PHE A 80 7.53 21.12 16.81
N ALA A 81 8.30 21.98 17.50
CA ALA A 81 9.40 21.51 18.32
C ALA A 81 8.93 20.61 19.45
N GLU A 82 7.69 20.81 19.91
CA GLU A 82 7.14 19.99 20.97
C GLU A 82 7.03 18.52 20.58
N TYR A 83 7.03 18.21 19.28
CA TYR A 83 6.85 16.86 18.78
C TYR A 83 8.11 16.28 18.14
N HIS A 84 9.24 16.97 18.26
CA HIS A 84 10.47 16.49 17.61
C HIS A 84 10.88 15.12 18.15
N GLU A 85 10.69 14.90 19.45
CA GLU A 85 11.16 13.66 20.07
C GLU A 85 10.40 12.43 19.59
N HIS A 86 9.21 12.60 19.02
CA HIS A 86 8.41 11.48 18.57
C HIS A 86 8.53 11.22 17.07
N LEU A 87 9.32 12.01 16.37
CA LEU A 87 9.53 11.77 14.95
C LEU A 87 10.41 10.54 14.76
N PRO A 88 10.16 9.74 13.73
CA PRO A 88 11.05 8.61 13.44
C PRO A 88 12.39 9.09 12.90
N ASN A 89 13.39 8.23 13.01
CA ASN A 89 14.70 8.61 12.49
C ASN A 89 14.76 8.32 10.99
N THR A 90 15.91 8.61 10.39
CA THR A 90 16.06 8.46 8.94
C THR A 90 15.91 7.01 8.51
N SER A 91 16.43 6.09 9.31
CA SER A 91 16.42 4.68 8.92
C SER A 91 15.02 4.08 9.04
N LEU A 92 14.29 4.44 10.10
CA LEU A 92 12.96 3.88 10.30
C LEU A 92 11.98 4.39 9.27
N ILE A 93 12.02 5.69 8.96
CA ILE A 93 11.09 6.23 7.97
C ILE A 93 11.40 5.66 6.59
N THR A 94 12.67 5.39 6.30
CA THR A 94 13.02 4.79 5.02
C THR A 94 12.52 3.35 4.92
N ALA A 95 12.77 2.55 5.97
CA ALA A 95 12.33 1.16 5.96
C ALA A 95 10.81 1.05 5.87
N ILE A 96 10.10 1.95 6.54
CA ILE A 96 8.64 1.96 6.46
C ILE A 96 8.20 2.35 5.05
N CYS A 97 8.87 3.34 4.46
CA CYS A 97 8.50 3.79 3.12
C CYS A 97 8.86 2.75 2.06
N LEU A 98 10.00 2.08 2.22
CA LEU A 98 10.44 1.07 1.26
C LEU A 98 9.66 -0.24 1.36
N ALA A 99 8.86 -0.42 2.42
CA ALA A 99 8.15 -1.67 2.64
C ALA A 99 6.64 -1.58 2.39
N HIS A 100 6.11 -0.39 2.11
CA HIS A 100 4.66 -0.20 2.16
C HIS A 100 3.94 -0.94 1.05
N ASP A 101 4.59 -1.16 -0.09
CA ASP A 101 3.97 -1.85 -1.22
C ASP A 101 4.53 -3.26 -1.42
N ILE A 102 5.08 -3.86 -0.37
CA ILE A 102 5.69 -5.18 -0.50
C ILE A 102 4.65 -6.26 -0.69
N GLY A 103 3.51 -6.13 -0.02
CA GLY A 103 2.48 -7.16 -0.07
C GLY A 103 1.62 -7.17 -1.32
N HIS A 104 1.73 -6.14 -2.15
CA HIS A 104 0.83 -6.03 -3.29
C HIS A 104 1.05 -7.18 -4.29
N PRO A 105 -0.02 -7.78 -4.80
CA PRO A 105 0.11 -9.01 -5.57
C PRO A 105 0.48 -8.73 -7.01
N PRO A 106 0.76 -9.76 -7.80
CA PRO A 106 0.98 -9.54 -9.24
C PRO A 106 -0.24 -8.90 -9.88
N PHE A 107 0.02 -8.09 -10.91
CA PHE A 107 -0.99 -7.37 -11.67
C PHE A 107 -1.76 -6.37 -10.81
N GLY A 108 -1.23 -6.04 -9.62
CA GLY A 108 -1.79 -4.96 -8.83
C GLY A 108 -3.21 -5.24 -8.37
N HIS A 109 -4.09 -4.26 -8.58
CA HIS A 109 -5.47 -4.38 -8.14
C HIS A 109 -6.20 -5.51 -8.85
N GLY A 110 -5.80 -5.82 -10.09
CA GLY A 110 -6.38 -6.96 -10.77
C GLY A 110 -6.10 -8.26 -10.05
N GLY A 111 -4.87 -8.44 -9.56
CA GLY A 111 -4.55 -9.61 -8.77
C GLY A 111 -5.13 -9.56 -7.38
N GLU A 112 -5.28 -8.37 -6.81
CA GLU A 112 -5.82 -8.25 -5.46
C GLU A 112 -7.31 -8.61 -5.44
N VAL A 113 -8.07 -8.06 -6.39
CA VAL A 113 -9.48 -8.45 -6.53
C VAL A 113 -9.59 -9.94 -6.80
N ALA A 114 -8.66 -10.49 -7.58
CA ALA A 114 -8.70 -11.91 -7.89
C ALA A 114 -8.53 -12.76 -6.63
N LEU A 115 -7.50 -12.49 -5.84
CA LEU A 115 -7.24 -13.29 -4.66
C LEU A 115 -8.33 -13.12 -3.61
N ASN A 116 -8.85 -11.91 -3.45
CA ASN A 116 -9.94 -11.69 -2.51
C ASN A 116 -11.18 -12.45 -2.92
N TYR A 117 -11.45 -12.53 -4.23
CA TYR A 117 -12.62 -13.26 -4.71
C TYR A 117 -12.46 -14.76 -4.48
N CYS A 118 -11.24 -15.28 -4.67
CA CYS A 118 -11.00 -16.69 -4.43
C CYS A 118 -11.04 -17.01 -2.94
N MET A 119 -10.56 -16.09 -2.10
CA MET A 119 -10.54 -16.28 -0.65
C MET A 119 -11.80 -15.77 0.05
N ARG A 120 -12.94 -15.77 -0.66
CA ARG A 120 -14.18 -15.22 -0.13
C ARG A 120 -14.57 -15.89 1.17
N GLU A 121 -14.53 -17.22 1.21
CA GLU A 121 -14.91 -18.00 2.38
C GLU A 121 -13.74 -18.29 3.31
N HIS A 122 -12.56 -17.72 3.03
CA HIS A 122 -11.34 -18.10 3.73
C HIS A 122 -10.54 -16.89 4.20
N GLY A 123 -11.19 -15.74 4.37
CA GLY A 123 -10.56 -14.58 4.96
C GLY A 123 -10.27 -13.44 4.01
N GLY A 124 -10.46 -13.63 2.71
CA GLY A 124 -10.18 -12.59 1.75
C GLY A 124 -8.68 -12.34 1.58
N PHE A 125 -8.38 -11.33 0.77
CA PHE A 125 -7.00 -10.91 0.55
C PHE A 125 -6.98 -9.40 0.32
N GLU A 126 -5.96 -8.75 0.87
CA GLU A 126 -5.73 -7.32 0.64
C GLU A 126 -4.23 -7.08 0.71
N GLY A 127 -3.75 -6.17 -0.15
CA GLY A 127 -2.31 -5.98 -0.29
C GLY A 127 -1.64 -5.53 0.99
N ASN A 128 -2.18 -4.49 1.62
CA ASN A 128 -1.55 -3.95 2.84
C ASN A 128 -1.52 -4.98 3.94
N GLY A 129 -2.51 -5.87 4.00
CA GLY A 129 -2.46 -6.97 4.95
C GLY A 129 -1.33 -7.93 4.64
N GLN A 130 -1.11 -8.23 3.36
CA GLN A 130 -0.03 -9.13 2.98
C GLN A 130 1.34 -8.50 3.27
N THR A 131 1.44 -7.18 3.18
CA THR A 131 2.67 -6.50 3.58
C THR A 131 3.03 -6.84 5.03
N LEU A 132 2.03 -6.79 5.91
CA LEU A 132 2.26 -7.18 7.30
C LEU A 132 2.53 -8.68 7.42
N ARG A 133 1.84 -9.48 6.59
CA ARG A 133 2.03 -10.92 6.65
C ARG A 133 3.44 -11.32 6.20
N ILE A 134 3.94 -10.68 5.14
CA ILE A 134 5.30 -10.96 4.68
C ILE A 134 6.32 -10.48 5.70
N LEU A 135 6.14 -9.25 6.18
CA LEU A 135 7.13 -8.66 7.10
C LEU A 135 7.19 -9.42 8.42
N GLY A 136 6.07 -9.97 8.87
CA GLY A 136 6.04 -10.57 10.20
C GLY A 136 6.15 -12.08 10.25
N LYS A 137 6.10 -12.76 9.10
CA LYS A 137 6.07 -14.22 9.14
C LYS A 137 6.61 -14.87 7.88
N LEU A 138 6.26 -14.35 6.70
CA LEU A 138 6.46 -15.09 5.46
C LEU A 138 7.91 -15.04 4.98
N ASP A 139 8.54 -13.87 5.02
CA ASP A 139 9.89 -13.70 4.47
C ASP A 139 10.87 -14.65 5.15
N LYS A 140 11.66 -15.36 4.34
CA LYS A 140 12.56 -16.40 4.83
C LYS A 140 13.86 -15.85 5.39
N TYR A 141 13.83 -14.63 5.96
CA TYR A 141 14.99 -14.16 6.70
C TYR A 141 15.12 -14.88 8.03
N THR A 142 13.99 -15.27 8.63
CA THR A 142 13.96 -16.11 9.82
C THR A 142 13.14 -17.36 9.52
N GLY A 143 13.02 -18.22 10.53
CA GLY A 143 12.25 -19.43 10.38
C GLY A 143 10.77 -19.17 10.19
N GLU A 144 10.13 -18.50 11.17
CA GLU A 144 8.70 -18.26 11.12
C GLU A 144 8.32 -16.86 11.54
N HIS A 145 9.25 -15.89 11.47
CA HIS A 145 8.97 -14.53 11.91
C HIS A 145 9.25 -13.50 10.83
N GLY A 146 9.37 -13.92 9.58
CA GLY A 146 9.61 -12.98 8.49
C GLY A 146 10.97 -12.31 8.65
N LEU A 147 10.99 -11.01 8.43
CA LEU A 147 12.18 -10.21 8.70
C LEU A 147 12.35 -9.91 10.18
N ASN A 148 11.39 -10.29 11.01
CA ASN A 148 11.39 -10.00 12.45
C ASN A 148 11.67 -8.52 12.72
N PRO A 149 10.81 -7.62 12.24
CA PRO A 149 11.07 -6.19 12.40
C PRO A 149 10.78 -5.75 13.83
N THR A 150 11.15 -4.50 14.11
CA THR A 150 10.83 -3.90 15.39
C THR A 150 9.34 -3.62 15.49
N ARG A 151 8.88 -3.43 16.73
CA ARG A 151 7.46 -3.15 16.96
C ARG A 151 7.03 -1.86 16.26
N ARG A 152 7.86 -0.82 16.32
CA ARG A 152 7.49 0.46 15.73
C ARG A 152 7.45 0.38 14.21
N MET A 153 8.35 -0.40 13.59
CA MET A 153 8.30 -0.53 12.14
C MET A 153 7.05 -1.28 11.69
N LEU A 154 6.71 -2.37 12.39
CA LEU A 154 5.47 -3.08 12.10
C LEU A 154 4.27 -2.16 12.25
N LEU A 155 4.24 -1.37 13.32
CA LEU A 155 3.17 -0.39 13.50
C LEU A 155 3.15 0.62 12.36
N GLY A 156 4.34 0.99 11.85
CA GLY A 156 4.41 2.00 10.80
C GLY A 156 3.87 1.54 9.47
N ILE A 157 3.89 0.22 9.22
CA ILE A 157 3.33 -0.31 7.97
C ILE A 157 1.88 -0.73 8.14
N LEU A 158 1.34 -0.69 9.35
CA LEU A 158 -0.04 -1.09 9.63
C LEU A 158 -0.96 0.08 9.30
N LYS A 159 -1.25 0.24 8.01
CA LYS A 159 -2.08 1.34 7.55
C LYS A 159 -3.51 1.22 8.07
N TYR A 160 -3.99 0.00 8.28
CA TYR A 160 -5.38 -0.26 8.64
C TYR A 160 -5.40 -1.27 9.79
N PRO A 161 -5.37 -0.79 11.04
CA PRO A 161 -5.24 -1.71 12.18
C PRO A 161 -6.55 -2.35 12.60
N VAL A 162 -7.38 -2.76 11.64
CA VAL A 162 -8.63 -3.46 11.91
C VAL A 162 -8.71 -4.67 11.00
N ALA A 163 -9.28 -5.76 11.50
CA ALA A 163 -9.29 -7.02 10.79
C ALA A 163 -10.29 -7.02 9.64
N TYR A 164 -10.07 -7.94 8.70
CA TYR A 164 -10.96 -8.11 7.55
C TYR A 164 -12.39 -8.40 8.00
N SER A 165 -12.56 -9.37 8.91
CA SER A 165 -13.89 -9.76 9.36
C SER A 165 -14.63 -8.58 10.02
N GLU A 166 -13.92 -7.77 10.82
CA GLU A 166 -14.49 -6.62 11.50
C GLU A 166 -14.86 -5.48 10.57
N LEU A 167 -14.37 -5.48 9.33
CA LEU A 167 -14.64 -4.41 8.37
C LEU A 167 -15.45 -4.83 7.15
N VAL A 168 -15.44 -6.11 6.78
CA VAL A 168 -16.06 -6.55 5.54
C VAL A 168 -17.57 -6.44 5.63
N ASN A 169 -18.20 -6.01 4.54
CA ASN A 169 -19.65 -5.95 4.38
C ASN A 169 -19.99 -6.83 3.18
N GLU A 170 -20.24 -8.11 3.44
CA GLU A 170 -20.42 -9.09 2.38
C GLU A 170 -21.64 -8.82 1.52
N LYS A 171 -22.50 -7.88 1.92
CA LYS A 171 -23.61 -7.50 1.05
C LYS A 171 -23.11 -6.74 -0.18
N ALA A 172 -21.96 -6.09 -0.06
CA ALA A 172 -21.36 -5.41 -1.22
C ALA A 172 -20.85 -6.40 -2.25
N TYR A 173 -20.51 -7.61 -1.83
CA TYR A 173 -20.08 -8.66 -2.74
C TYR A 173 -21.24 -9.26 -3.54
N GLU A 174 -22.49 -8.92 -3.20
CA GLU A 174 -23.65 -9.53 -3.84
C GLU A 174 -23.65 -9.26 -5.34
N GLN A 175 -23.88 -10.32 -6.12
CA GLN A 175 -23.87 -10.23 -7.57
C GLN A 175 -25.19 -10.70 -8.16
N VAL A 176 -25.58 -10.11 -9.27
CA VAL A 176 -26.70 -10.64 -10.06
C VAL A 176 -26.31 -12.00 -10.62
N PRO A 177 -27.13 -13.03 -10.49
CA PRO A 177 -26.72 -14.37 -10.93
C PRO A 177 -26.56 -14.45 -12.44
N ASP A 178 -25.54 -15.21 -12.87
CA ASP A 178 -25.25 -15.39 -14.29
C ASP A 178 -24.74 -16.80 -14.48
N LYS A 179 -25.62 -17.69 -14.95
CA LYS A 179 -25.24 -19.09 -15.17
C LYS A 179 -24.21 -19.24 -16.28
N ASN A 180 -24.18 -18.31 -17.24
CA ASN A 180 -23.32 -18.42 -18.41
C ASN A 180 -21.95 -17.81 -18.20
N ALA A 181 -21.73 -17.09 -17.11
CA ALA A 181 -20.46 -16.41 -16.92
C ALA A 181 -19.42 -17.38 -16.34
N PRO A 182 -18.18 -17.36 -16.85
CA PRO A 182 -17.10 -18.10 -16.21
C PRO A 182 -16.82 -17.56 -14.82
N TYR A 183 -16.04 -18.32 -14.06
CA TYR A 183 -15.80 -17.98 -12.65
C TYR A 183 -15.04 -16.67 -12.50
N TRP A 184 -14.25 -16.29 -13.50
CA TRP A 184 -13.43 -15.09 -13.40
C TRP A 184 -14.11 -13.83 -13.94
N LEU A 185 -15.35 -13.94 -14.44
CA LEU A 185 -16.04 -12.82 -15.05
C LEU A 185 -17.00 -12.20 -14.03
N PHE A 186 -16.65 -11.00 -13.55
CA PHE A 186 -17.48 -10.27 -12.62
C PHE A 186 -17.06 -8.80 -12.62
N GLU A 187 -17.90 -7.96 -12.01
CA GLU A 187 -17.54 -6.57 -11.80
C GLU A 187 -16.52 -6.47 -10.67
N ALA A 188 -15.31 -6.01 -11.00
CA ALA A 188 -14.24 -6.00 -10.00
C ALA A 188 -14.50 -5.00 -8.88
N ARG A 189 -15.23 -3.91 -9.17
CA ARG A 189 -15.46 -2.88 -8.15
C ARG A 189 -16.25 -3.42 -6.96
N MET A 190 -17.13 -4.38 -7.19
CA MET A 190 -17.97 -4.94 -6.15
C MET A 190 -17.29 -6.06 -5.37
N GLN A 191 -16.09 -6.48 -5.78
CA GLN A 191 -15.34 -7.51 -5.07
C GLN A 191 -14.06 -6.98 -4.46
N LYS A 192 -13.85 -5.66 -4.47
CA LYS A 192 -12.69 -5.10 -3.80
C LYS A 192 -12.78 -5.40 -2.30
N PRO A 193 -11.68 -5.77 -1.66
CA PRO A 193 -11.71 -6.05 -0.23
C PRO A 193 -11.69 -4.76 0.57
N PRO A 194 -11.99 -4.81 1.86
CA PRO A 194 -11.72 -3.66 2.72
C PRO A 194 -10.22 -3.54 2.97
N LYS A 195 -9.79 -2.30 3.23
CA LYS A 195 -8.41 -2.07 3.63
C LYS A 195 -8.25 -2.44 5.09
N CYS A 196 -7.38 -3.40 5.37
CA CYS A 196 -7.44 -4.14 6.63
C CYS A 196 -6.14 -4.91 6.83
N TYR A 197 -6.13 -5.78 7.85
CA TYR A 197 -5.17 -6.85 7.98
C TYR A 197 -5.94 -8.18 8.05
N HIS A 198 -5.26 -9.26 7.64
CA HIS A 198 -5.91 -10.57 7.58
C HIS A 198 -6.13 -11.12 8.99
N ASP A 199 -7.27 -11.80 9.18
CA ASP A 199 -7.61 -12.33 10.50
C ASP A 199 -6.58 -13.35 10.97
N CYS A 200 -5.97 -14.09 10.05
CA CYS A 200 -5.02 -15.13 10.43
C CYS A 200 -3.69 -14.56 10.94
N ASP A 201 -3.51 -13.24 10.88
CA ASP A 201 -2.29 -12.59 11.34
C ASP A 201 -2.52 -11.78 12.62
N GLN A 202 -3.56 -12.11 13.38
CA GLN A 202 -3.88 -11.36 14.59
C GLN A 202 -2.75 -11.44 15.62
N GLU A 203 -2.00 -12.54 15.63
CA GLU A 203 -0.88 -12.66 16.56
C GLU A 203 0.17 -11.59 16.31
N ILE A 204 0.47 -11.30 15.04
CA ILE A 204 1.41 -10.23 14.73
C ILE A 204 0.88 -8.91 15.28
N VAL A 205 -0.40 -8.62 15.04
CA VAL A 205 -1.00 -7.39 15.52
C VAL A 205 -1.06 -7.35 17.03
N ASP A 206 -1.22 -8.52 17.67
CA ASP A 206 -1.17 -8.57 19.13
C ASP A 206 0.18 -8.12 19.66
N PHE A 207 1.27 -8.54 18.99
CA PHE A 207 2.61 -8.13 19.40
C PHE A 207 2.78 -6.62 19.25
N ILE A 208 2.35 -6.06 18.12
CA ILE A 208 2.48 -4.63 17.88
C ILE A 208 1.79 -3.83 18.98
N PHE A 209 0.72 -4.38 19.55
CA PHE A 209 -0.13 -3.66 20.48
C PHE A 209 0.09 -4.04 21.93
N ASP A 210 0.95 -5.03 22.21
CA ASP A 210 1.28 -5.35 23.60
C ASP A 210 2.09 -4.25 24.26
N GLY A 211 2.69 -3.35 23.49
CA GLY A 211 3.43 -2.24 24.05
C GLY A 211 2.57 -1.01 24.30
N PHE A 212 1.25 -1.20 24.31
CA PHE A 212 0.32 -0.11 24.54
C PHE A 212 -0.78 -0.57 25.49
N ALA A 213 -1.43 0.41 26.13
CA ALA A 213 -2.56 0.12 26.99
C ALA A 213 -3.77 -0.29 26.17
N ARG A 214 -4.61 -1.18 26.73
CA ARG A 214 -5.71 -1.73 25.96
C ARG A 214 -6.76 -0.67 25.63
N GLU A 215 -6.93 0.34 26.50
CA GLU A 215 -7.82 1.44 26.14
C GLU A 215 -7.28 2.21 24.94
N GLU A 216 -5.97 2.37 24.87
CA GLU A 216 -5.36 2.99 23.69
C GLU A 216 -5.62 2.17 22.44
N LEU A 217 -5.61 0.84 22.55
CA LEU A 217 -5.86 -0.01 21.40
C LEU A 217 -7.31 0.12 20.93
N ALA A 218 -8.25 0.14 21.86
CA ALA A 218 -9.66 0.24 21.49
C ALA A 218 -9.96 1.56 20.80
N LYS A 219 -9.38 2.66 21.29
CA LYS A 219 -9.60 3.96 20.68
C LYS A 219 -8.91 4.06 19.33
N PHE A 220 -7.72 3.47 19.20
CA PHE A 220 -6.93 3.59 17.99
C PHE A 220 -7.45 2.71 16.86
N THR A 221 -8.14 1.62 17.19
CA THR A 221 -8.71 0.72 16.20
C THR A 221 -10.16 1.04 15.89
N GLN A 222 -10.62 2.25 16.20
CA GLN A 222 -11.98 2.64 15.90
C GLN A 222 -12.18 2.71 14.39
N THR A 223 -13.40 2.42 13.96
CA THR A 223 -13.75 2.41 12.54
C THR A 223 -14.88 3.38 12.28
N GLU A 224 -15.17 3.58 11.00
CA GLU A 224 -16.30 4.39 10.55
C GLU A 224 -17.04 3.64 9.46
N GLN A 225 -18.33 3.95 9.33
CA GLN A 225 -19.18 3.36 8.30
C GLN A 225 -19.44 4.39 7.22
N PRO A 226 -18.71 4.39 6.12
CA PRO A 226 -18.98 5.36 5.05
C PRO A 226 -20.37 5.14 4.46
N ILE A 227 -20.97 6.25 4.02
CA ILE A 227 -22.34 6.26 3.54
C ILE A 227 -22.38 6.98 2.20
N ASP A 228 -23.25 6.51 1.30
CA ASP A 228 -23.59 7.22 0.07
C ASP A 228 -22.40 7.29 -0.88
N LYS A 229 -21.97 6.13 -1.38
CA LYS A 229 -20.99 6.13 -2.47
C LYS A 229 -21.67 6.51 -3.77
N ASP A 230 -22.87 5.96 -4.02
CA ASP A 230 -23.72 6.39 -5.12
C ASP A 230 -25.11 6.68 -4.57
N GLU A 231 -25.70 5.70 -3.87
CA GLU A 231 -26.96 5.85 -3.16
C GLU A 231 -26.71 5.61 -1.68
N PRO A 232 -27.55 6.17 -0.80
CA PRO A 232 -27.36 5.94 0.65
C PRO A 232 -27.39 4.48 1.04
N GLU A 233 -28.20 3.65 0.37
CA GLU A 233 -28.35 2.25 0.72
C GLU A 233 -27.36 1.34 0.00
N LYS A 234 -26.42 1.90 -0.75
CA LYS A 234 -25.41 1.07 -1.39
C LYS A 234 -24.51 0.46 -0.31
N PRO A 235 -24.35 -0.87 -0.29
CA PRO A 235 -23.51 -1.48 0.74
C PRO A 235 -22.04 -1.18 0.52
N LEU A 236 -21.35 -0.85 1.63
CA LEU A 236 -19.94 -0.49 1.58
C LEU A 236 -19.22 -1.06 2.80
N HIS A 237 -17.95 -1.41 2.61
CA HIS A 237 -17.12 -1.87 3.71
C HIS A 237 -16.91 -0.75 4.73
N LYS A 238 -16.54 -1.15 5.95
CA LYS A 238 -16.13 -0.19 6.96
C LYS A 238 -14.65 0.14 6.80
N LYS A 239 -14.29 1.36 7.19
CA LYS A 239 -12.92 1.86 7.08
C LYS A 239 -12.32 2.02 8.46
N SER A 240 -11.05 1.64 8.61
CA SER A 240 -10.30 2.03 9.79
C SER A 240 -10.12 3.55 9.78
N LEU A 241 -9.90 4.10 10.97
CA LEU A 241 -9.89 5.56 11.12
C LEU A 241 -8.53 6.16 11.39
N TYR A 242 -7.59 5.42 11.97
CA TYR A 242 -6.36 6.04 12.46
C TYR A 242 -5.14 5.19 12.11
N LYS A 243 -4.03 5.89 11.88
CA LYS A 243 -2.72 5.29 11.65
C LYS A 243 -1.72 5.89 12.63
N SER A 244 -0.61 5.19 12.82
CA SER A 244 0.43 5.70 13.70
C SER A 244 1.09 6.93 13.09
N LEU A 245 1.89 7.62 13.91
CA LEU A 245 2.56 8.83 13.45
C LEU A 245 3.47 8.55 12.26
N ASP A 246 4.31 7.53 12.38
CA ASP A 246 5.21 7.16 11.28
C ASP A 246 4.42 6.78 10.04
N CYS A 247 3.27 6.13 10.23
CA CYS A 247 2.45 5.73 9.08
C CYS A 247 1.86 6.94 8.38
N THR A 248 1.50 7.98 9.14
CA THR A 248 0.99 9.21 8.53
C THR A 248 2.04 9.87 7.64
N ILE A 249 3.30 9.82 8.06
CA ILE A 249 4.37 10.41 7.26
C ILE A 249 4.57 9.62 5.98
N MET A 250 4.61 8.29 6.08
CA MET A 250 4.74 7.44 4.91
C MET A 250 3.53 7.58 3.98
N ASN A 251 2.33 7.59 4.55
CA ASN A 251 1.12 7.72 3.74
C ASN A 251 1.06 9.08 3.06
N LEU A 252 1.63 10.11 3.68
CA LEU A 252 1.68 11.42 3.03
C LEU A 252 2.67 11.41 1.87
N ALA A 253 3.87 10.86 2.10
CA ALA A 253 4.83 10.72 1.02
C ALA A 253 4.28 9.84 -0.10
N ASP A 254 3.60 8.76 0.27
CA ASP A 254 3.05 7.84 -0.74
C ASP A 254 2.04 8.55 -1.62
N ASN A 255 1.26 9.46 -1.05
CA ASN A 255 0.26 10.17 -1.85
C ASN A 255 0.87 11.30 -2.67
N ILE A 256 1.95 11.92 -2.18
CA ILE A 256 2.61 12.96 -2.95
C ILE A 256 3.21 12.38 -4.23
N SER A 257 3.80 11.18 -4.13
CA SER A 257 4.38 10.53 -5.31
C SER A 257 3.31 10.17 -6.32
N TYR A 258 2.21 9.57 -5.86
CA TYR A 258 1.11 9.24 -6.77
C TYR A 258 0.53 10.50 -7.40
N SER A 259 0.49 11.60 -6.66
CA SER A 259 -0.16 12.81 -7.16
C SER A 259 0.70 13.59 -8.13
N LEU A 260 2.02 13.55 -7.97
CA LEU A 260 2.92 14.36 -8.78
C LEU A 260 3.84 13.53 -9.67
N HIS A 261 4.46 12.48 -9.12
CA HIS A 261 5.41 11.70 -9.91
C HIS A 261 4.70 10.83 -10.94
N ASP A 262 3.54 10.25 -10.58
CA ASP A 262 2.74 9.56 -11.58
C ASP A 262 2.09 10.54 -12.53
N PHE A 263 1.82 11.77 -12.06
CA PHE A 263 1.35 12.82 -12.97
C PHE A 263 2.44 13.19 -13.96
N GLU A 264 3.69 13.30 -13.51
CA GLU A 264 4.79 13.63 -14.39
C GLU A 264 4.97 12.58 -15.47
N ASP A 265 4.90 11.30 -15.09
CA ASP A 265 4.94 10.24 -16.09
C ASP A 265 3.76 10.32 -17.04
N ALA A 266 2.60 10.76 -16.56
CA ALA A 266 1.43 10.90 -17.43
C ALA A 266 1.66 11.99 -18.47
N LEU A 267 2.32 13.09 -18.08
CA LEU A 267 2.67 14.11 -19.07
C LEU A 267 3.61 13.55 -20.12
N SER A 268 4.64 12.81 -19.69
CA SER A 268 5.63 12.29 -20.62
C SER A 268 5.00 11.33 -21.63
N LEU A 269 4.10 10.47 -21.18
CA LEU A 269 3.47 9.50 -22.08
C LEU A 269 2.32 10.10 -22.88
N GLY A 270 1.94 11.34 -22.60
CA GLY A 270 0.85 11.98 -23.33
C GLY A 270 -0.53 11.63 -22.86
N MET A 271 -0.67 10.99 -21.70
CA MET A 271 -1.98 10.60 -21.19
C MET A 271 -2.72 11.75 -20.52
N ILE A 272 -2.05 12.86 -20.24
CA ILE A 272 -2.68 14.06 -19.67
C ILE A 272 -2.20 15.25 -20.48
N THR A 273 -3.11 15.90 -21.20
CA THR A 273 -2.78 17.03 -22.04
C THR A 273 -3.00 18.34 -21.30
N GLN A 274 -2.46 19.43 -21.88
CA GLN A 274 -2.74 20.75 -21.34
C GLN A 274 -4.21 21.09 -21.44
N ARG A 275 -4.91 20.51 -22.43
CA ARG A 275 -6.35 20.66 -22.51
C ARG A 275 -7.04 19.99 -21.33
N HIS A 276 -6.61 18.78 -20.98
CA HIS A 276 -7.13 18.13 -19.77
C HIS A 276 -6.83 18.97 -18.54
N TRP A 277 -5.63 19.52 -18.45
CA TRP A 277 -5.25 20.34 -17.30
C TRP A 277 -6.13 21.56 -17.18
N ARG A 278 -6.29 22.31 -18.27
CA ARG A 278 -7.08 23.54 -18.25
C ARG A 278 -8.58 23.28 -18.20
N GLU A 279 -9.03 22.06 -18.47
CA GLU A 279 -10.43 21.72 -18.30
C GLU A 279 -10.70 21.11 -16.93
N HIS A 280 -9.77 20.33 -16.40
CA HIS A 280 -9.88 19.87 -15.02
C HIS A 280 -9.75 21.03 -14.05
N PHE A 281 -9.02 22.08 -14.43
CA PHE A 281 -8.91 23.31 -13.67
C PHE A 281 -9.66 24.46 -14.32
N GLU A 282 -10.72 24.16 -15.09
CA GLU A 282 -11.48 25.22 -15.74
C GLU A 282 -12.04 26.20 -14.70
N GLY A 283 -12.62 25.67 -13.63
CA GLY A 283 -12.81 26.42 -12.42
C GLY A 283 -11.68 26.13 -11.44
N LYS A 284 -11.69 26.86 -10.33
CA LYS A 284 -10.73 26.65 -9.24
C LYS A 284 -9.29 26.85 -9.69
N GLU A 285 -9.06 27.85 -10.57
CA GLU A 285 -7.69 28.27 -10.81
C GLU A 285 -7.06 28.85 -9.55
N ALA A 286 -7.89 29.23 -8.56
CA ALA A 286 -7.40 29.73 -7.28
C ALA A 286 -6.74 28.65 -6.44
N LEU A 287 -6.91 27.37 -6.80
CA LEU A 287 -6.16 26.32 -6.11
C LEU A 287 -4.66 26.53 -6.25
N PHE A 288 -4.23 27.06 -7.40
CA PHE A 288 -2.85 27.48 -7.60
C PHE A 288 -2.65 28.96 -7.29
N ASN A 289 -3.60 29.81 -7.69
CA ASN A 289 -3.37 31.25 -7.66
C ASN A 289 -3.43 31.80 -6.24
N ASP A 290 -4.46 31.41 -5.47
CA ASP A 290 -4.57 31.89 -4.09
C ASP A 290 -3.36 31.48 -3.27
N LEU A 291 -2.87 30.25 -3.47
CA LEU A 291 -1.62 29.84 -2.84
C LEU A 291 -0.47 30.72 -3.30
N ALA A 292 -0.45 31.06 -4.59
CA ALA A 292 0.60 31.96 -5.11
C ALA A 292 0.52 33.33 -4.45
N LYS A 293 -0.66 33.78 -4.07
CA LYS A 293 -0.79 35.07 -3.41
C LYS A 293 -0.27 35.00 -1.98
N GLN A 294 -0.71 34.00 -1.21
CA GLN A 294 -0.32 33.91 0.19
C GLN A 294 1.19 33.71 0.34
N LEU A 295 1.74 32.76 -0.41
CA LEU A 295 3.17 32.48 -0.33
C LEU A 295 4.01 33.41 -1.19
N VAL A 296 3.37 34.31 -1.95
CA VAL A 296 4.00 35.16 -2.95
C VAL A 296 5.01 34.36 -3.77
N ARG A 297 4.51 33.48 -4.62
CA ARG A 297 5.35 32.68 -5.50
C ARG A 297 4.74 32.77 -6.90
N ASN A 298 5.34 33.61 -7.76
CA ASN A 298 4.83 33.79 -9.11
C ASN A 298 4.88 32.49 -9.90
N ASP A 299 5.78 31.57 -9.53
CA ASP A 299 5.84 30.27 -10.19
C ASP A 299 4.56 29.47 -9.98
N LEU A 300 3.80 29.77 -8.93
CA LEU A 300 2.56 29.06 -8.66
C LEU A 300 1.37 29.63 -9.43
N ASN A 301 1.57 30.67 -10.22
CA ASN A 301 0.51 31.15 -11.10
C ASN A 301 0.05 30.04 -12.03
N PHE A 302 -1.27 29.91 -12.18
CA PHE A 302 -1.82 28.78 -12.94
C PHE A 302 -1.29 28.76 -14.37
N ASP A 303 -1.26 29.92 -15.03
CA ASP A 303 -0.85 29.96 -16.43
C ASP A 303 0.66 29.78 -16.58
N LEU A 304 1.45 30.26 -15.61
CA LEU A 304 2.90 30.11 -15.70
C LEU A 304 3.31 28.66 -15.43
N ILE A 305 2.73 28.04 -14.41
CA ILE A 305 3.07 26.66 -14.11
C ILE A 305 2.50 25.72 -15.16
N THR A 306 1.42 26.13 -15.83
CA THR A 306 0.88 25.31 -16.91
C THR A 306 1.83 25.30 -18.11
N VAL A 307 2.40 26.46 -18.44
CA VAL A 307 3.35 26.53 -19.54
C VAL A 307 4.59 25.71 -19.23
N ASN A 308 5.06 25.75 -17.99
CA ASN A 308 6.27 25.02 -17.62
C ASN A 308 6.01 23.51 -17.53
N LEU A 309 4.82 23.11 -17.08
CA LEU A 309 4.51 21.69 -17.01
C LEU A 309 4.38 21.08 -18.40
N PHE A 310 3.74 21.79 -19.32
CA PHE A 310 3.54 21.32 -20.70
C PHE A 310 4.49 22.03 -21.65
N HIS A 311 5.76 22.10 -21.26
CA HIS A 311 6.80 22.73 -22.05
C HIS A 311 7.59 21.68 -22.81
N LYS A 312 8.16 22.09 -23.95
CA LYS A 312 8.99 21.17 -24.72
C LYS A 312 10.26 20.82 -23.97
N GLU A 313 10.91 21.81 -23.37
CA GLU A 313 12.15 21.59 -22.63
C GLU A 313 11.84 20.78 -21.37
N SER A 314 12.46 19.60 -21.26
CA SER A 314 12.21 18.72 -20.11
C SER A 314 12.70 19.32 -18.81
N HIS A 315 13.59 20.31 -18.85
CA HIS A 315 14.05 20.95 -17.62
C HIS A 315 13.04 21.96 -17.10
N CYS A 316 12.10 22.39 -17.93
CA CYS A 316 11.04 23.28 -17.46
C CYS A 316 9.92 22.50 -16.77
N ARG A 317 9.73 21.24 -17.13
CA ARG A 317 8.73 20.42 -16.46
C ARG A 317 9.23 19.89 -15.13
N LYS A 318 10.41 19.27 -15.13
CA LYS A 318 10.97 18.74 -13.90
C LYS A 318 11.21 19.83 -12.85
N GLU A 319 11.39 21.07 -13.28
CA GLU A 319 11.54 22.17 -12.32
C GLU A 319 10.20 22.50 -11.66
N ALA A 320 9.09 22.34 -12.38
CA ALA A 320 7.78 22.59 -11.80
C ALA A 320 7.32 21.42 -10.95
N ILE A 321 7.55 20.19 -11.43
CA ILE A 321 7.22 19.00 -10.64
C ILE A 321 7.96 19.04 -9.31
N GLY A 322 9.27 19.27 -9.35
CA GLY A 322 10.04 19.38 -8.13
C GLY A 322 9.64 20.55 -7.26
N SER A 323 9.17 21.63 -7.87
CA SER A 323 8.65 22.76 -7.11
C SER A 323 7.38 22.37 -6.38
N LEU A 324 6.52 21.57 -7.02
CA LEU A 324 5.30 21.11 -6.37
C LEU A 324 5.59 20.02 -5.35
N VAL A 325 6.62 19.19 -5.61
CA VAL A 325 7.05 18.22 -4.61
C VAL A 325 7.59 18.94 -3.38
N ASN A 326 8.37 20.00 -3.59
CA ASN A 326 8.89 20.77 -2.46
C ASN A 326 7.81 21.56 -1.75
N LEU A 327 6.78 22.01 -2.48
CA LEU A 327 5.73 22.81 -1.88
C LEU A 327 4.93 22.00 -0.86
N MET A 328 4.72 20.72 -1.13
CA MET A 328 3.96 19.89 -0.20
C MET A 328 4.80 19.50 1.02
N ILE A 329 6.10 19.24 0.82
CA ILE A 329 6.96 18.90 1.95
C ILE A 329 7.08 20.08 2.91
N THR A 330 7.16 21.30 2.36
CA THR A 330 7.27 22.49 3.20
C THR A 330 5.95 22.87 3.87
N ASN A 331 4.84 22.21 3.52
CA ASN A 331 3.54 22.48 4.13
C ASN A 331 3.02 21.27 4.89
N ALA A 332 3.92 20.43 5.40
CA ALA A 332 3.53 19.30 6.23
C ALA A 332 3.35 19.77 7.66
N ILE A 333 2.12 19.64 8.18
CA ILE A 333 1.82 20.00 9.55
C ILE A 333 1.61 18.71 10.34
N ILE A 334 1.79 18.81 11.65
CA ILE A 334 1.59 17.69 12.56
C ILE A 334 0.57 18.12 13.62
N GLU A 335 -0.60 17.50 13.59
CA GLU A 335 -1.68 17.77 14.53
C GLU A 335 -1.99 16.50 15.33
N LYS A 336 -3.05 16.56 16.12
CA LYS A 336 -3.54 15.41 16.86
C LYS A 336 -4.79 14.88 16.20
N ASN A 337 -4.92 13.56 16.14
CA ASN A 337 -6.10 12.97 15.53
C ASN A 337 -7.26 12.96 16.53
N GLN A 338 -8.48 12.86 15.99
CA GLN A 338 -9.66 12.84 16.83
C GLN A 338 -9.81 11.53 17.60
N SER A 339 -8.84 10.63 17.52
CA SER A 339 -8.79 9.50 18.44
C SER A 339 -8.52 10.00 19.85
N GLY A 340 -9.10 9.32 20.83
CA GLY A 340 -8.91 9.69 22.22
C GLY A 340 -7.59 9.22 22.79
N CYS A 341 -6.67 8.80 21.93
CA CYS A 341 -5.40 8.26 22.37
C CYS A 341 -4.53 9.34 23.01
N GLU A 342 -3.75 8.93 24.02
CA GLU A 342 -2.79 9.81 24.66
C GLU A 342 -1.35 9.45 24.32
N ASN A 343 -1.10 8.28 23.74
CA ASN A 343 0.23 7.94 23.28
C ASN A 343 0.59 8.80 22.07
N PRO A 344 1.79 9.36 22.01
CA PRO A 344 2.13 10.24 20.87
C PRO A 344 2.13 9.54 19.53
N LEU A 345 2.59 8.29 19.47
CA LEU A 345 2.62 7.58 18.20
C LEU A 345 1.23 7.22 17.70
N LEU A 346 0.22 7.21 18.57
CA LEU A 346 -1.14 6.88 18.17
C LEU A 346 -2.05 8.09 18.05
N SER A 347 -1.71 9.20 18.71
CA SER A 347 -2.53 10.39 18.69
C SER A 347 -2.06 11.45 17.70
N LEU A 348 -0.80 11.41 17.28
CA LEU A 348 -0.23 12.44 16.42
C LEU A 348 -0.26 12.02 14.96
N GLU A 349 -0.63 12.96 14.09
CA GLU A 349 -0.72 12.73 12.67
C GLU A 349 0.03 13.83 11.92
N VAL A 350 0.61 13.45 10.78
CA VAL A 350 1.28 14.39 9.88
C VAL A 350 0.44 14.51 8.61
N LYS A 351 0.16 15.74 8.19
CA LYS A 351 -0.65 15.97 7.00
C LYS A 351 -0.28 17.32 6.41
N LEU A 352 -0.86 17.60 5.24
CA LEU A 352 -0.60 18.85 4.55
C LEU A 352 -1.50 19.97 5.07
N ALA A 353 -1.15 21.19 4.68
CA ALA A 353 -2.04 22.31 4.93
C ALA A 353 -3.34 22.11 4.15
N PRO A 354 -4.47 22.56 4.69
CA PRO A 354 -5.76 22.30 4.00
C PRO A 354 -5.80 22.82 2.58
N GLN A 355 -5.17 23.96 2.29
CA GLN A 355 -5.21 24.49 0.93
C GLN A 355 -4.28 23.72 0.02
N ILE A 356 -3.22 23.11 0.56
CA ILE A 356 -2.32 22.30 -0.26
C ILE A 356 -2.94 20.95 -0.57
N GLU A 357 -3.68 20.39 0.40
CA GLU A 357 -4.35 19.10 0.17
C GLU A 357 -5.43 19.21 -0.89
N LYS A 358 -6.11 20.36 -0.93
CA LYS A 358 -7.10 20.60 -1.98
C LYS A 358 -6.45 20.57 -3.36
N LEU A 359 -5.25 21.14 -3.47
CA LEU A 359 -4.53 21.12 -4.74
C LEU A 359 -3.94 19.74 -5.04
N ARG A 360 -3.43 19.07 -4.01
CA ARG A 360 -2.88 17.73 -4.21
C ARG A 360 -3.96 16.76 -4.68
N GLN A 361 -5.11 16.78 -4.01
CA GLN A 361 -6.21 15.89 -4.39
C GLN A 361 -6.69 16.18 -5.81
N HIS A 362 -6.79 17.47 -6.16
CA HIS A 362 -7.34 17.82 -7.47
C HIS A 362 -6.40 17.41 -8.61
N ILE A 363 -5.09 17.41 -8.34
CA ILE A 363 -4.16 16.87 -9.33
C ILE A 363 -4.27 15.35 -9.36
N PHE A 364 -4.46 14.73 -8.20
CA PHE A 364 -4.58 13.28 -8.14
C PHE A 364 -5.86 12.79 -8.81
N ASP A 365 -6.94 13.58 -8.76
CA ASP A 365 -8.18 13.19 -9.40
C ASP A 365 -8.02 13.11 -10.91
N LEU A 366 -7.24 14.03 -11.49
CA LEU A 366 -6.98 13.97 -12.93
C LEU A 366 -6.13 12.75 -13.29
N VAL A 367 -5.31 12.28 -12.34
CA VAL A 367 -4.51 11.08 -12.59
C VAL A 367 -5.40 9.84 -12.60
N CYS A 368 -6.32 9.75 -11.65
CA CYS A 368 -7.25 8.62 -11.63
C CYS A 368 -8.13 8.61 -12.88
N GLU A 369 -8.52 9.79 -13.36
CA GLU A 369 -9.44 9.87 -14.49
C GLU A 369 -8.77 9.46 -15.79
N GLN A 370 -7.55 9.93 -16.03
CA GLN A 370 -6.88 9.72 -17.30
C GLN A 370 -5.92 8.53 -17.31
N VAL A 371 -5.39 8.13 -16.16
CA VAL A 371 -4.39 7.07 -16.08
C VAL A 371 -4.97 5.81 -15.43
N ILE A 372 -5.39 5.91 -14.17
CA ILE A 372 -5.85 4.73 -13.45
C ILE A 372 -7.08 4.12 -14.11
N PHE A 373 -7.99 4.96 -14.57
CA PHE A 373 -9.23 4.52 -15.19
C PHE A 373 -9.23 4.65 -16.70
N ASP A 374 -8.05 4.67 -17.31
CA ASP A 374 -7.97 4.56 -18.76
C ASP A 374 -8.49 3.18 -19.20
N GLU A 375 -9.25 3.17 -20.30
CA GLU A 375 -9.89 1.94 -20.74
C GLU A 375 -8.86 0.83 -20.94
N ASN A 376 -7.72 1.16 -21.54
CA ASN A 376 -6.71 0.13 -21.82
C ASN A 376 -6.01 -0.32 -20.55
N VAL A 377 -5.83 0.58 -19.57
CA VAL A 377 -5.25 0.19 -18.30
C VAL A 377 -6.19 -0.77 -17.56
N GLN A 378 -7.49 -0.52 -17.64
CA GLN A 378 -8.45 -1.37 -16.94
C GLN A 378 -8.61 -2.71 -17.65
N GLN A 379 -8.56 -2.72 -18.98
CA GLN A 379 -8.61 -3.98 -19.71
C GLN A 379 -7.46 -4.89 -19.32
N LEU A 380 -6.27 -4.32 -19.09
CA LEU A 380 -5.13 -5.12 -18.67
C LEU A 380 -5.28 -5.59 -17.23
N GLU A 381 -5.87 -4.76 -16.36
CA GLU A 381 -6.13 -5.21 -14.99
C GLU A 381 -7.05 -6.41 -14.97
N PHE A 382 -8.11 -6.39 -15.78
CA PHE A 382 -9.03 -7.52 -15.82
C PHE A 382 -8.32 -8.80 -16.27
N LYS A 383 -7.36 -8.67 -17.19
CA LYS A 383 -6.63 -9.84 -17.65
C LYS A 383 -5.76 -10.42 -16.54
N GLY A 384 -5.16 -9.56 -15.71
CA GLY A 384 -4.48 -10.05 -14.54
C GLY A 384 -5.44 -10.69 -13.56
N GLN A 385 -6.66 -10.17 -13.48
CA GLN A 385 -7.70 -10.80 -12.65
C GLN A 385 -8.01 -12.21 -13.16
N LYS A 386 -8.19 -12.35 -14.48
CA LYS A 386 -8.49 -13.67 -15.04
C LYS A 386 -7.32 -14.62 -14.85
N LEU A 387 -6.09 -14.13 -15.04
CA LEU A 387 -4.92 -14.99 -14.93
C LEU A 387 -4.72 -15.50 -13.51
N VAL A 388 -4.85 -14.61 -12.52
CA VAL A 388 -4.62 -15.02 -11.14
C VAL A 388 -5.70 -15.99 -10.67
N ILE A 389 -6.96 -15.67 -10.98
CA ILE A 389 -8.06 -16.57 -10.61
C ILE A 389 -7.85 -17.96 -11.21
N GLU A 390 -7.59 -18.02 -12.51
CA GLU A 390 -7.36 -19.31 -13.16
C GLU A 390 -6.14 -20.02 -12.61
N LEU A 391 -5.14 -19.26 -12.16
CA LEU A 391 -3.95 -19.87 -11.57
C LEU A 391 -4.22 -20.36 -10.16
N PHE A 392 -4.95 -19.57 -9.37
CA PHE A 392 -5.27 -19.98 -8.00
C PHE A 392 -6.13 -21.23 -8.00
N GLN A 393 -7.19 -21.24 -8.82
CA GLN A 393 -8.06 -22.41 -8.93
C GLN A 393 -7.24 -23.68 -9.18
N THR A 394 -6.37 -23.64 -10.19
CA THR A 394 -5.62 -24.84 -10.57
C THR A 394 -4.62 -25.22 -9.48
N LEU A 395 -3.97 -24.23 -8.87
CA LEU A 395 -3.06 -24.54 -7.75
C LEU A 395 -3.83 -25.06 -6.54
N ALA A 396 -5.09 -24.66 -6.38
CA ALA A 396 -5.88 -25.11 -5.24
C ALA A 396 -6.53 -26.47 -5.48
N LYS A 397 -6.73 -26.85 -6.75
CA LYS A 397 -7.38 -28.13 -7.04
C LYS A 397 -6.47 -29.30 -6.72
N ASP A 398 -5.18 -29.17 -7.04
CA ASP A 398 -4.19 -30.23 -6.80
C ASP A 398 -2.87 -29.58 -6.40
N PRO A 399 -2.80 -29.05 -5.18
CA PRO A 399 -1.60 -28.31 -4.78
C PRO A 399 -0.35 -29.14 -4.71
N ASN A 400 -0.46 -30.44 -4.42
CA ASN A 400 0.73 -31.28 -4.33
C ASN A 400 1.30 -31.64 -5.69
N ARG A 401 0.51 -31.53 -6.76
CA ARG A 401 1.02 -31.84 -8.10
C ARG A 401 1.82 -30.69 -8.68
N PHE A 402 1.48 -29.45 -8.34
CA PHE A 402 2.01 -28.27 -9.03
C PHE A 402 2.96 -27.44 -8.18
N LEU A 403 2.70 -27.29 -6.88
CA LEU A 403 3.47 -26.37 -6.07
C LEU A 403 4.89 -26.89 -5.83
N PRO A 404 5.85 -25.99 -5.65
CA PRO A 404 7.20 -26.42 -5.31
C PRO A 404 7.24 -27.09 -3.94
N LYS A 405 8.30 -27.88 -3.72
CA LYS A 405 8.41 -28.65 -2.48
C LYS A 405 8.37 -27.77 -1.23
N PRO A 406 9.12 -26.66 -1.14
CA PRO A 406 9.02 -25.84 0.09
C PRO A 406 7.62 -25.28 0.31
N THR A 407 6.92 -24.89 -0.76
CA THR A 407 5.56 -24.42 -0.61
C THR A 407 4.62 -25.57 -0.24
N ARG A 408 4.88 -26.77 -0.74
CA ARG A 408 4.11 -27.94 -0.31
C ARG A 408 4.33 -28.23 1.17
N GLU A 409 5.54 -27.95 1.68
CA GLU A 409 5.79 -28.16 3.10
C GLU A 409 4.97 -27.21 3.96
N ARG A 410 4.94 -25.93 3.59
CA ARG A 410 4.15 -24.96 4.34
C ARG A 410 2.68 -25.31 4.33
N LEU A 411 2.16 -25.76 3.19
CA LEU A 411 0.74 -26.12 3.09
C LEU A 411 0.42 -27.32 3.97
N LYS A 412 1.28 -28.34 3.94
CA LYS A 412 1.13 -29.45 4.88
C LYS A 412 1.22 -28.96 6.32
N LYS A 413 2.22 -28.12 6.60
CA LYS A 413 2.43 -27.61 7.96
C LYS A 413 1.27 -26.74 8.42
N ALA A 414 0.65 -25.99 7.50
CA ALA A 414 -0.45 -25.12 7.88
C ALA A 414 -1.70 -25.90 8.23
N GLY A 415 -1.84 -27.12 7.71
CA GLY A 415 -3.03 -27.91 7.94
C GLY A 415 -2.97 -28.78 9.18
N GLU A 416 -1.77 -28.95 9.73
CA GLU A 416 -1.59 -29.79 10.90
C GLU A 416 -2.28 -29.16 12.12
N GLY A 417 -2.87 -30.01 12.96
CA GLY A 417 -3.63 -29.54 14.09
C GLY A 417 -4.98 -28.97 13.73
N LEU A 418 -5.41 -29.10 12.48
CA LEU A 418 -6.68 -28.55 12.02
C LEU A 418 -7.37 -29.56 11.12
N GLU A 419 -8.71 -29.55 11.16
CA GLU A 419 -9.52 -30.40 10.31
C GLU A 419 -10.77 -29.64 9.88
N GLY A 420 -11.43 -30.15 8.85
CA GLY A 420 -12.66 -29.55 8.38
C GLY A 420 -12.46 -28.30 7.56
N GLU A 421 -13.28 -27.28 7.82
CA GLU A 421 -13.19 -26.03 7.06
C GLU A 421 -12.03 -25.17 7.50
N HIS A 422 -11.62 -25.26 8.77
CA HIS A 422 -10.47 -24.48 9.23
C HIS A 422 -9.18 -24.95 8.57
N LYS A 423 -9.02 -26.27 8.42
CA LYS A 423 -7.87 -26.80 7.70
C LYS A 423 -7.86 -26.29 6.26
N LYS A 424 -9.02 -26.26 5.61
CA LYS A 424 -9.08 -25.82 4.22
C LYS A 424 -8.68 -24.35 4.09
N SER A 425 -9.20 -23.49 4.98
CA SER A 425 -8.87 -22.08 4.89
C SER A 425 -7.40 -21.83 5.18
N ALA A 426 -6.82 -22.61 6.10
CA ALA A 426 -5.41 -22.44 6.43
C ALA A 426 -4.51 -22.86 5.27
N GLN A 427 -4.90 -23.88 4.52
CA GLN A 427 -4.09 -24.31 3.39
C GLN A 427 -4.29 -23.44 2.16
N LEU A 428 -5.50 -22.89 1.98
CA LEU A 428 -5.69 -21.93 0.90
C LEU A 428 -4.96 -20.62 1.18
N ARG A 429 -4.71 -20.31 2.44
CA ARG A 429 -3.94 -19.11 2.76
C ARG A 429 -2.49 -19.25 2.29
N VAL A 430 -1.93 -20.45 2.39
CA VAL A 430 -0.57 -20.68 1.88
C VAL A 430 -0.53 -20.53 0.38
N ILE A 431 -1.55 -21.04 -0.32
CA ILE A 431 -1.62 -20.87 -1.77
C ILE A 431 -1.80 -19.39 -2.11
N CYS A 432 -2.58 -18.66 -1.31
CA CYS A 432 -2.74 -17.23 -1.53
C CYS A 432 -1.41 -16.50 -1.33
N ASP A 433 -0.62 -16.90 -0.33
CA ASP A 433 0.67 -16.28 -0.12
C ASP A 433 1.65 -16.62 -1.23
N PHE A 434 1.50 -17.79 -1.85
CA PHE A 434 2.37 -18.18 -2.94
C PHE A 434 2.08 -17.36 -4.19
N VAL A 435 0.80 -17.21 -4.55
CA VAL A 435 0.44 -16.46 -5.73
C VAL A 435 0.71 -14.98 -5.53
N SER A 436 0.33 -14.44 -4.36
CA SER A 436 0.52 -13.02 -4.11
C SER A 436 1.99 -12.64 -4.11
N GLY A 437 2.86 -13.56 -3.69
CA GLY A 437 4.30 -13.35 -3.69
C GLY A 437 4.97 -13.56 -5.03
N MET A 438 4.19 -13.79 -6.08
CA MET A 438 4.77 -13.94 -7.42
C MET A 438 5.00 -12.57 -8.04
N THR A 439 6.02 -12.50 -8.89
CA THR A 439 6.16 -11.34 -9.74
C THR A 439 5.25 -11.48 -10.97
N ASP A 440 5.01 -10.36 -11.64
CA ASP A 440 4.06 -10.34 -12.76
C ASP A 440 4.52 -11.28 -13.86
N ASP A 441 5.82 -11.33 -14.14
CA ASP A 441 6.33 -12.23 -15.16
C ASP A 441 6.36 -13.68 -14.69
N TYR A 442 6.64 -13.90 -13.40
CA TYR A 442 6.60 -15.25 -12.86
C TYR A 442 5.18 -15.82 -12.91
N ALA A 443 4.19 -14.99 -12.57
CA ALA A 443 2.81 -15.44 -12.65
C ALA A 443 2.37 -15.69 -14.10
N THR A 444 2.90 -14.90 -15.04
CA THR A 444 2.57 -15.13 -16.45
C THR A 444 3.18 -16.42 -16.95
N LYS A 445 4.45 -16.69 -16.59
CA LYS A 445 5.08 -17.94 -16.98
C LYS A 445 4.40 -19.13 -16.32
N PHE A 446 3.98 -18.98 -15.06
CA PHE A 446 3.28 -20.06 -14.39
C PHE A 446 1.92 -20.31 -15.04
N TYR A 447 1.24 -19.24 -15.47
CA TYR A 447 0.00 -19.40 -16.21
C TYR A 447 0.25 -20.10 -17.55
N GLU A 448 1.34 -19.74 -18.23
CA GLU A 448 1.57 -20.28 -19.57
C GLU A 448 2.00 -21.74 -19.53
N LYS A 449 2.73 -22.16 -18.49
CA LYS A 449 3.08 -23.57 -18.37
C LYS A 449 1.85 -24.43 -18.20
N LEU A 450 0.82 -23.91 -17.52
CA LEU A 450 -0.35 -24.70 -17.16
C LEU A 450 -1.45 -24.63 -18.21
N PHE A 451 -1.56 -23.54 -18.97
CA PHE A 451 -2.72 -23.37 -19.83
C PHE A 451 -2.37 -23.04 -21.28
N THR A 452 -1.40 -22.18 -21.52
CA THR A 452 -1.14 -21.68 -22.87
C THR A 452 -0.57 -22.80 -23.74
N PRO A 453 -1.15 -23.05 -24.94
CA PRO A 453 -0.81 -24.26 -25.72
C PRO A 453 0.67 -24.57 -25.90
N SER A 454 1.44 -23.68 -26.52
CA SER A 454 2.81 -24.00 -26.91
C SER A 454 3.81 -23.12 -26.15
N LYS A 455 3.87 -23.30 -24.83
CA LYS A 455 4.79 -22.55 -23.98
C LYS A 455 5.14 -23.38 -22.75
N GLY A 456 6.30 -23.12 -22.19
CA GLY A 456 6.69 -23.74 -20.93
C GLY A 456 7.86 -24.71 -21.12
N SER A 457 8.72 -24.75 -20.10
CA SER A 457 9.87 -25.64 -20.10
C SER A 457 10.13 -26.14 -18.68
N ILE A 458 10.66 -27.37 -18.59
CA ILE A 458 10.86 -28.02 -17.30
C ILE A 458 12.05 -27.44 -16.56
N PHE A 459 12.61 -26.35 -17.09
CA PHE A 459 13.72 -25.67 -16.44
C PHE A 459 13.63 -24.16 -16.62
#